data_1GBG
#
_entry.id   1GBG
#
_cell.length_a   35.330
_cell.length_b   39.130
_cell.length_c   43.880
_cell.angle_alpha   64.66
_cell.angle_beta   105.86
_cell.angle_gamma   110.68
#
_symmetry.space_group_name_H-M   'P 1'
#
loop_
_entity.id
_entity.type
_entity.pdbx_description
1 polymer '(1,3-1,4)-BETA-D-GLUCAN 4 GLUCANOHYDROLASE'
2 non-polymer 'CALCIUM ION'
3 water water
#
_entity_poly.entity_id   1
_entity_poly.type   'polypeptide(L)'
_entity_poly.pdbx_seq_one_letter_code
;QTGGSFYEPFNNYNTGLWQKADGYSNGNMFNCTWRANNVSMTSLGEMRLSLTSPSYNKFDCGENRSVQTYGYGLYEVNMK
PAKNVGIVSSFFTYTGPTDGTPWDEIDIEFLGKDTTKVQFNYYTNGVGNHEKIVNLGFDAANSYHTYAFDWQPNSIKWYV
DGQLKHTATTQIPQTPGKIMMNLWNGAGVDEWLGSYNGVTPLYAHYNWVRYTKR
;
_entity_poly.pdbx_strand_id   A
#
loop_
_chem_comp.id
_chem_comp.type
_chem_comp.name
_chem_comp.formula
CA non-polymer 'CALCIUM ION' 'Ca 2'
#
# COMPACT_ATOMS: atom_id res chain seq x y z
N GLN A 1 17.88 9.43 -5.30
CA GLN A 1 16.47 9.53 -5.64
C GLN A 1 16.23 10.42 -6.84
N THR A 2 15.19 10.09 -7.59
CA THR A 2 14.82 10.82 -8.78
C THR A 2 13.61 11.72 -8.62
N GLY A 3 12.83 11.54 -7.55
CA GLY A 3 11.65 12.35 -7.33
C GLY A 3 11.79 13.38 -6.23
N GLY A 4 10.96 14.42 -6.31
CA GLY A 4 10.96 15.48 -5.33
C GLY A 4 9.61 15.57 -4.64
N SER A 5 9.44 16.57 -3.78
CA SER A 5 8.19 16.75 -3.08
C SER A 5 7.04 16.91 -4.06
N PHE A 6 5.85 16.49 -3.66
CA PHE A 6 4.71 16.61 -4.55
C PHE A 6 3.41 16.39 -3.79
N TYR A 7 2.34 16.92 -4.37
CA TYR A 7 1.03 16.79 -3.79
C TYR A 7 0.13 16.21 -4.88
N GLU A 8 -0.51 15.08 -4.60
CA GLU A 8 -1.38 14.42 -5.56
C GLU A 8 -2.82 14.41 -5.09
N PRO A 9 -3.65 15.26 -5.70
CA PRO A 9 -5.04 15.34 -5.33
C PRO A 9 -5.95 14.35 -6.08
N PHE A 10 -5.40 13.68 -7.09
CA PHE A 10 -6.15 12.72 -7.86
C PHE A 10 -7.34 13.31 -8.60
N ASN A 11 -7.08 14.39 -9.33
CA ASN A 11 -8.09 15.06 -10.12
C ASN A 11 -8.12 14.46 -11.51
N ASN A 12 -7.06 13.72 -11.78
CA ASN A 12 -6.83 13.03 -13.03
C ASN A 12 -5.76 11.98 -12.80
N TYR A 13 -5.49 11.15 -13.79
CA TYR A 13 -4.48 10.13 -13.63
C TYR A 13 -3.20 10.63 -14.31
N ASN A 14 -2.25 11.08 -13.48
CA ASN A 14 -0.99 11.61 -13.98
C ASN A 14 0.05 10.58 -14.40
N THR A 15 0.14 10.33 -15.70
CA THR A 15 1.07 9.36 -16.23
C THR A 15 2.51 9.78 -16.09
N GLY A 16 2.73 11.00 -15.61
CA GLY A 16 4.10 11.44 -15.44
C GLY A 16 4.62 11.02 -14.06
N LEU A 17 3.69 10.80 -13.14
CA LEU A 17 4.00 10.39 -11.79
C LEU A 17 3.74 8.91 -11.52
N TRP A 18 2.69 8.37 -12.14
CA TRP A 18 2.32 6.97 -11.93
C TRP A 18 2.17 6.07 -13.14
N GLN A 19 2.20 4.77 -12.85
CA GLN A 19 2.06 3.71 -13.84
C GLN A 19 1.32 2.53 -13.21
N LYS A 20 0.57 1.78 -14.03
CA LYS A 20 -0.19 0.63 -13.54
C LYS A 20 0.44 -0.71 -13.83
N ALA A 21 0.42 -1.61 -12.86
CA ALA A 21 0.99 -2.93 -13.08
C ALA A 21 0.01 -3.70 -13.96
N ASP A 22 0.51 -4.49 -14.90
CA ASP A 22 -0.45 -5.18 -15.72
C ASP A 22 0.06 -6.46 -16.38
N GLY A 23 -0.78 -7.47 -16.40
CA GLY A 23 -0.43 -8.73 -17.05
C GLY A 23 0.44 -9.76 -16.35
N TYR A 24 0.49 -9.75 -15.05
CA TYR A 24 1.28 -10.76 -14.38
C TYR A 24 0.86 -10.84 -12.93
N SER A 25 1.23 -11.95 -12.28
CA SER A 25 0.94 -12.19 -10.89
C SER A 25 2.25 -12.09 -10.12
N ASN A 26 2.17 -11.60 -8.90
CA ASN A 26 3.38 -11.48 -8.10
C ASN A 26 3.84 -12.87 -7.74
N GLY A 27 2.89 -13.82 -7.75
CA GLY A 27 3.23 -15.18 -7.40
C GLY A 27 3.15 -15.32 -5.89
N ASN A 28 3.86 -16.31 -5.36
CA ASN A 28 3.88 -16.58 -3.94
C ASN A 28 2.51 -16.54 -3.28
N MET A 29 2.31 -15.63 -2.33
CA MET A 29 1.03 -15.55 -1.65
C MET A 29 -0.07 -14.76 -2.37
N PHE A 30 0.26 -14.15 -3.50
CA PHE A 30 -0.74 -13.37 -4.25
C PHE A 30 -1.57 -14.28 -5.14
N ASN A 31 -2.86 -14.39 -4.86
CA ASN A 31 -3.73 -15.22 -5.68
C ASN A 31 -4.59 -14.44 -6.66
N CYS A 32 -3.95 -13.53 -7.39
CA CYS A 32 -4.63 -12.70 -8.37
C CYS A 32 -3.62 -12.14 -9.36
N THR A 33 -4.13 -11.68 -10.50
CA THR A 33 -3.32 -11.11 -11.55
C THR A 33 -3.55 -9.61 -11.65
N TRP A 34 -2.46 -8.84 -11.75
CA TRP A 34 -2.57 -7.39 -11.86
C TRP A 34 -3.09 -7.02 -13.24
N ARG A 35 -4.04 -6.08 -13.30
CA ARG A 35 -4.63 -5.61 -14.54
C ARG A 35 -4.78 -4.11 -14.49
N ALA A 36 -4.39 -3.46 -15.58
CA ALA A 36 -4.49 -2.02 -15.68
C ALA A 36 -5.91 -1.54 -15.48
N ASN A 37 -6.90 -2.33 -15.88
CA ASN A 37 -8.28 -1.94 -15.72
C ASN A 37 -8.71 -1.90 -14.26
N ASN A 38 -7.86 -2.44 -13.37
CA ASN A 38 -8.19 -2.46 -11.96
C ASN A 38 -7.73 -1.25 -11.17
N VAL A 39 -7.24 -0.26 -11.92
CA VAL A 39 -6.76 1.01 -11.38
C VAL A 39 -7.55 2.07 -12.15
N SER A 40 -8.42 2.81 -11.47
CA SER A 40 -9.19 3.81 -12.18
C SER A 40 -9.51 5.03 -11.34
N MET A 41 -9.97 6.09 -12.01
CA MET A 41 -10.33 7.33 -11.34
C MET A 41 -11.83 7.45 -11.17
N THR A 42 -12.27 7.99 -10.04
CA THR A 42 -13.69 8.17 -9.79
C THR A 42 -14.09 9.60 -10.14
N SER A 43 -15.39 9.83 -10.30
CA SER A 43 -15.84 11.17 -10.61
C SER A 43 -15.61 12.11 -9.44
N LEU A 44 -15.55 11.54 -8.24
CA LEU A 44 -15.35 12.31 -7.04
C LEU A 44 -13.89 12.69 -6.77
N GLY A 45 -13.01 12.49 -7.76
CA GLY A 45 -11.62 12.83 -7.57
C GLY A 45 -10.85 11.88 -6.66
N GLU A 46 -11.00 10.59 -6.91
CA GLU A 46 -10.30 9.60 -6.11
C GLU A 46 -9.71 8.53 -7.00
N MET A 47 -8.64 7.90 -6.54
CA MET A 47 -8.06 6.82 -7.32
C MET A 47 -8.65 5.58 -6.69
N ARG A 48 -9.15 4.66 -7.51
CA ARG A 48 -9.75 3.45 -6.98
C ARG A 48 -9.06 2.20 -7.48
N LEU A 49 -8.81 1.28 -6.56
CA LEU A 49 -8.19 -0.01 -6.87
C LEU A 49 -9.29 -1.06 -6.73
N SER A 50 -9.36 -2.04 -7.61
CA SER A 50 -10.43 -3.01 -7.45
C SER A 50 -9.97 -4.45 -7.55
N LEU A 51 -10.77 -5.32 -6.93
CA LEU A 51 -10.56 -6.75 -6.90
C LEU A 51 -11.78 -7.33 -7.62
N THR A 52 -11.57 -7.91 -8.79
CA THR A 52 -12.66 -8.49 -9.58
C THR A 52 -12.33 -9.91 -10.02
N SER A 53 -13.32 -10.58 -10.60
CA SER A 53 -13.20 -11.95 -11.07
C SER A 53 -13.69 -12.09 -12.51
N PRO A 54 -12.81 -12.50 -13.41
CA PRO A 54 -13.13 -12.67 -14.81
C PRO A 54 -13.72 -14.05 -15.12
N SER A 55 -13.49 -15.00 -14.24
CA SER A 55 -13.99 -16.35 -14.45
C SER A 55 -13.95 -17.15 -13.15
N TYR A 56 -14.52 -18.36 -13.19
CA TYR A 56 -14.56 -19.22 -12.02
C TYR A 56 -13.24 -19.37 -11.27
N ASN A 57 -13.25 -18.98 -10.00
CA ASN A 57 -12.08 -19.08 -9.16
C ASN A 57 -10.80 -18.38 -9.63
N LYS A 58 -10.95 -17.34 -10.45
CA LYS A 58 -9.81 -16.58 -10.94
C LYS A 58 -10.03 -15.14 -10.51
N PHE A 59 -8.96 -14.45 -10.12
CA PHE A 59 -9.12 -13.07 -9.67
C PHE A 59 -8.17 -12.09 -10.31
N ASP A 60 -8.68 -10.86 -10.48
CA ASP A 60 -7.96 -9.74 -11.06
C ASP A 60 -7.78 -8.70 -9.95
N CYS A 61 -6.57 -8.15 -9.82
CA CYS A 61 -6.28 -7.17 -8.79
C CYS A 61 -5.58 -5.92 -9.33
N GLY A 62 -5.45 -4.90 -8.47
CA GLY A 62 -4.81 -3.68 -8.92
C GLY A 62 -3.61 -3.20 -8.11
N GLU A 63 -2.67 -2.60 -8.83
CA GLU A 63 -1.45 -2.05 -8.27
C GLU A 63 -0.99 -0.82 -9.02
N ASN A 64 -0.86 0.28 -8.28
CA ASN A 64 -0.41 1.55 -8.81
C ASN A 64 0.98 1.83 -8.26
N ARG A 65 1.90 2.29 -9.11
CA ARG A 65 3.25 2.57 -8.63
C ARG A 65 3.82 3.84 -9.23
N SER A 66 4.69 4.50 -8.47
CA SER A 66 5.31 5.74 -8.92
C SER A 66 6.34 5.49 -10.00
N VAL A 67 6.60 6.53 -10.80
CA VAL A 67 7.57 6.44 -11.87
C VAL A 67 8.98 6.70 -11.36
N GLN A 68 9.11 7.60 -10.40
CA GLN A 68 10.41 7.91 -9.83
C GLN A 68 10.57 7.28 -8.46
N THR A 69 11.76 7.49 -7.88
CA THR A 69 12.10 6.98 -6.55
C THR A 69 12.12 8.12 -5.56
N TYR A 70 11.82 7.78 -4.31
CA TYR A 70 11.75 8.73 -3.23
C TYR A 70 12.56 8.26 -2.03
N GLY A 71 13.19 9.22 -1.34
CA GLY A 71 14.02 8.94 -0.18
C GLY A 71 13.41 9.43 1.13
N TYR A 72 14.29 9.87 2.02
CA TYR A 72 13.87 10.35 3.32
C TYR A 72 12.84 11.47 3.24
N GLY A 73 11.93 11.47 4.21
CA GLY A 73 10.88 12.48 4.26
C GLY A 73 9.56 11.94 4.77
N LEU A 74 8.55 12.81 4.71
CA LEU A 74 7.20 12.51 5.15
C LEU A 74 6.32 12.04 4.01
N TYR A 75 5.70 10.87 4.23
CA TYR A 75 4.80 10.23 3.29
C TYR A 75 3.40 10.19 3.86
N GLU A 76 2.47 10.85 3.17
CA GLU A 76 1.09 10.89 3.64
C GLU A 76 0.10 10.34 2.63
N VAL A 77 -0.89 9.64 3.17
CA VAL A 77 -1.93 9.07 2.34
C VAL A 77 -3.29 9.17 3.01
N ASN A 78 -4.26 9.69 2.27
CA ASN A 78 -5.62 9.84 2.79
C ASN A 78 -6.37 8.75 2.04
N MET A 79 -6.80 7.70 2.75
CA MET A 79 -7.48 6.61 2.09
C MET A 79 -8.49 5.87 2.93
N LYS A 80 -9.13 4.92 2.26
CA LYS A 80 -10.15 4.06 2.84
C LYS A 80 -9.91 2.66 2.26
N PRO A 81 -9.52 1.71 3.09
CA PRO A 81 -9.24 0.35 2.63
C PRO A 81 -10.50 -0.47 2.39
N ALA A 82 -10.31 -1.61 1.73
CA ALA A 82 -11.41 -2.52 1.44
C ALA A 82 -11.66 -3.36 2.69
N LYS A 83 -12.90 -3.81 2.86
CA LYS A 83 -13.32 -4.62 4.00
C LYS A 83 -13.83 -5.97 3.54
N ASN A 84 -13.07 -7.01 3.85
CA ASN A 84 -13.40 -8.39 3.50
C ASN A 84 -12.32 -9.35 3.97
N VAL A 85 -12.71 -10.50 4.48
CA VAL A 85 -11.73 -11.45 4.93
C VAL A 85 -10.83 -11.88 3.77
N GLY A 86 -9.61 -12.29 4.07
CA GLY A 86 -8.64 -12.77 3.09
C GLY A 86 -7.95 -11.76 2.19
N ILE A 87 -8.14 -10.46 2.41
CA ILE A 87 -7.50 -9.46 1.57
C ILE A 87 -6.63 -8.44 2.30
N VAL A 88 -5.95 -7.64 1.49
CA VAL A 88 -5.07 -6.60 1.97
C VAL A 88 -5.14 -5.39 1.06
N SER A 89 -5.15 -4.19 1.66
CA SER A 89 -5.15 -2.89 0.98
C SER A 89 -3.90 -2.22 1.54
N SER A 90 -3.07 -1.60 0.70
CA SER A 90 -1.88 -1.01 1.26
C SER A 90 -1.39 0.28 0.61
N PHE A 91 -0.35 0.82 1.23
CA PHE A 91 0.39 2.03 0.89
C PHE A 91 1.82 1.74 1.35
N PHE A 92 2.77 1.66 0.41
CA PHE A 92 4.13 1.36 0.79
C PHE A 92 5.20 1.84 -0.19
N THR A 93 6.44 1.80 0.29
CA THR A 93 7.60 2.18 -0.49
C THR A 93 8.29 0.87 -0.80
N TYR A 94 8.83 0.74 -2.02
CA TYR A 94 9.49 -0.48 -2.38
C TYR A 94 10.55 -0.34 -3.45
N THR A 95 11.56 -1.17 -3.30
CA THR A 95 12.68 -1.31 -4.19
C THR A 95 13.26 -2.68 -3.92
N GLY A 96 13.73 -3.37 -4.96
CA GLY A 96 14.25 -4.70 -4.69
C GLY A 96 15.17 -5.21 -5.79
N PRO A 97 15.49 -6.50 -5.65
CA PRO A 97 16.35 -7.21 -6.57
C PRO A 97 16.06 -6.89 -8.03
N THR A 98 14.78 -6.93 -8.40
CA THR A 98 14.39 -6.64 -9.77
C THR A 98 14.96 -5.31 -10.25
N ASP A 99 15.07 -4.35 -9.33
CA ASP A 99 15.57 -3.03 -9.64
C ASP A 99 17.07 -2.90 -9.46
N GLY A 100 17.70 -4.01 -9.11
CA GLY A 100 19.14 -4.03 -8.89
C GLY A 100 19.57 -3.36 -7.59
N THR A 101 18.81 -3.57 -6.52
CA THR A 101 19.12 -2.99 -5.22
C THR A 101 18.73 -3.96 -4.11
N PRO A 102 19.01 -3.57 -2.87
CA PRO A 102 18.62 -4.44 -1.78
C PRO A 102 17.11 -4.29 -1.63
N TRP A 103 16.48 -5.22 -0.93
CA TRP A 103 15.06 -5.16 -0.74
C TRP A 103 14.77 -4.28 0.47
N ASP A 104 14.47 -3.00 0.21
CA ASP A 104 14.15 -2.03 1.23
C ASP A 104 12.70 -1.62 1.05
N GLU A 105 11.89 -1.75 2.11
CA GLU A 105 10.48 -1.42 1.99
C GLU A 105 9.88 -0.98 3.31
N ILE A 106 8.91 -0.04 3.27
CA ILE A 106 8.23 0.47 4.44
C ILE A 106 6.73 0.31 4.17
N ASP A 107 5.99 -0.30 5.09
CA ASP A 107 4.58 -0.52 4.85
C ASP A 107 3.54 -0.04 5.83
N ILE A 108 2.36 0.12 5.25
CA ILE A 108 1.11 0.48 5.90
C ILE A 108 0.16 -0.51 5.27
N GLU A 109 -0.33 -1.49 6.02
CA GLU A 109 -1.24 -2.47 5.43
C GLU A 109 -2.50 -2.68 6.24
N PHE A 110 -3.62 -2.76 5.54
CA PHE A 110 -4.91 -2.97 6.16
C PHE A 110 -5.39 -4.39 5.88
N LEU A 111 -5.50 -5.19 6.94
CA LEU A 111 -5.97 -6.56 6.81
C LEU A 111 -7.49 -6.52 6.68
N GLY A 112 -7.99 -6.85 5.50
CA GLY A 112 -9.43 -6.83 5.25
C GLY A 112 -10.25 -7.50 6.32
N LYS A 113 -9.71 -8.56 6.94
CA LYS A 113 -10.43 -9.28 7.98
C LYS A 113 -10.83 -8.45 9.19
N ASP A 114 -10.12 -7.36 9.44
CA ASP A 114 -10.42 -6.50 10.57
C ASP A 114 -9.89 -5.11 10.29
N THR A 115 -10.78 -4.25 9.80
CA THR A 115 -10.45 -2.89 9.46
C THR A 115 -10.41 -1.91 10.63
N THR A 116 -10.45 -2.44 11.85
CA THR A 116 -10.38 -1.59 13.03
C THR A 116 -8.95 -1.58 13.53
N LYS A 117 -8.08 -2.21 12.75
CA LYS A 117 -6.66 -2.30 13.07
C LYS A 117 -5.83 -1.99 11.84
N VAL A 118 -4.56 -1.70 12.06
CA VAL A 118 -3.67 -1.41 10.96
C VAL A 118 -2.32 -2.06 11.27
N GLN A 119 -1.62 -2.50 10.23
CA GLN A 119 -0.34 -3.14 10.44
C GLN A 119 0.79 -2.35 9.81
N PHE A 120 1.86 -2.16 10.58
CA PHE A 120 3.06 -1.46 10.12
C PHE A 120 4.19 -2.48 10.05
N ASN A 121 5.06 -2.33 9.07
CA ASN A 121 6.19 -3.22 8.89
C ASN A 121 7.24 -2.56 8.02
N TYR A 122 8.37 -3.22 7.89
CA TYR A 122 9.48 -2.73 7.08
C TYR A 122 10.49 -3.83 6.85
N TYR A 123 11.17 -3.73 5.69
CA TYR A 123 12.19 -4.64 5.27
C TYR A 123 13.46 -3.86 4.97
N THR A 124 14.59 -4.36 5.46
CA THR A 124 15.88 -3.73 5.24
C THR A 124 16.78 -4.85 4.74
N ASN A 125 17.24 -4.72 3.51
CA ASN A 125 18.09 -5.74 2.90
C ASN A 125 17.44 -7.11 2.95
N GLY A 126 16.13 -7.13 2.68
CA GLY A 126 15.34 -8.35 2.66
C GLY A 126 14.92 -8.91 4.01
N VAL A 127 15.36 -8.28 5.10
CA VAL A 127 14.98 -8.76 6.42
C VAL A 127 13.77 -8.00 6.94
N GLY A 128 12.68 -8.72 7.21
CA GLY A 128 11.45 -8.15 7.72
C GLY A 128 11.19 -8.56 9.16
N ASN A 129 9.98 -9.05 9.42
CA ASN A 129 9.62 -9.47 10.76
C ASN A 129 9.55 -8.33 11.75
N HIS A 130 9.08 -7.16 11.30
CA HIS A 130 8.95 -6.00 12.16
C HIS A 130 7.48 -5.64 12.32
N GLU A 131 6.62 -6.61 12.10
CA GLU A 131 5.19 -6.38 12.21
C GLU A 131 4.74 -5.78 13.54
N LYS A 132 3.88 -4.78 13.41
CA LYS A 132 3.31 -4.08 14.55
C LYS A 132 1.86 -3.79 14.23
N ILE A 133 0.97 -4.40 15.00
CA ILE A 133 -0.46 -4.23 14.84
C ILE A 133 -0.98 -3.23 15.84
N VAL A 134 -1.69 -2.21 15.35
CA VAL A 134 -2.25 -1.15 16.18
C VAL A 134 -3.76 -1.03 16.05
N ASN A 135 -4.42 -0.79 17.16
CA ASN A 135 -5.86 -0.62 17.18
C ASN A 135 -6.15 0.82 16.80
N LEU A 136 -6.99 1.06 15.79
CA LEU A 136 -7.29 2.40 15.35
C LEU A 136 -8.31 3.15 16.17
N GLY A 137 -9.23 2.43 16.79
CA GLY A 137 -10.27 3.06 17.58
C GLY A 137 -11.49 3.35 16.73
N PHE A 138 -11.40 2.98 15.45
CA PHE A 138 -12.48 3.19 14.49
C PHE A 138 -12.33 2.20 13.35
N ASP A 139 -13.35 2.14 12.50
CA ASP A 139 -13.33 1.27 11.34
C ASP A 139 -12.83 2.07 10.15
N ALA A 140 -11.58 1.81 9.77
CA ALA A 140 -10.95 2.51 8.66
C ALA A 140 -11.72 2.43 7.35
N ALA A 141 -12.52 1.38 7.20
CA ALA A 141 -13.28 1.18 5.98
C ALA A 141 -14.49 2.07 5.82
N ASN A 142 -14.93 2.71 6.90
CA ASN A 142 -16.09 3.57 6.88
C ASN A 142 -15.85 5.01 6.43
N SER A 143 -14.63 5.49 6.57
CA SER A 143 -14.35 6.86 6.18
C SER A 143 -12.88 7.08 5.91
N TYR A 144 -12.58 8.24 5.36
CA TYR A 144 -11.22 8.61 5.03
C TYR A 144 -10.45 9.09 6.25
N HIS A 145 -9.18 8.70 6.30
CA HIS A 145 -8.29 9.09 7.36
C HIS A 145 -6.91 9.28 6.75
N THR A 146 -6.05 10.02 7.44
CA THR A 146 -4.71 10.28 6.95
C THR A 146 -3.69 9.43 7.67
N TYR A 147 -2.99 8.60 6.88
CA TYR A 147 -1.97 7.72 7.39
C TYR A 147 -0.63 8.22 6.91
N ALA A 148 0.38 8.14 7.77
CA ALA A 148 1.68 8.63 7.36
C ALA A 148 2.84 7.95 8.05
N PHE A 149 3.99 8.11 7.43
CA PHE A 149 5.24 7.61 7.93
C PHE A 149 6.37 8.59 7.63
N ASP A 150 7.13 8.90 8.68
CA ASP A 150 8.25 9.81 8.53
C ASP A 150 9.50 8.95 8.52
N TRP A 151 10.09 8.85 7.34
CA TRP A 151 11.28 8.05 7.12
C TRP A 151 12.55 8.91 7.21
N GLN A 152 13.28 8.72 8.31
CA GLN A 152 14.53 9.43 8.57
C GLN A 152 15.67 8.43 8.59
N PRO A 153 16.91 8.90 8.49
CA PRO A 153 18.03 7.99 8.50
C PRO A 153 18.11 6.99 9.66
N ASN A 154 17.81 7.44 10.86
CA ASN A 154 17.88 6.55 12.01
C ASN A 154 16.55 6.24 12.65
N SER A 155 15.46 6.48 11.93
CA SER A 155 14.17 6.17 12.52
C SER A 155 13.00 6.25 11.55
N ILE A 156 11.94 5.54 11.93
CA ILE A 156 10.70 5.50 11.18
C ILE A 156 9.57 5.75 12.16
N LYS A 157 8.73 6.74 11.88
CA LYS A 157 7.62 7.06 12.74
C LYS A 157 6.33 6.98 11.95
N TRP A 158 5.35 6.27 12.51
CA TRP A 158 4.05 6.10 11.89
C TRP A 158 2.97 6.86 12.63
N TYR A 159 2.10 7.52 11.86
CA TYR A 159 1.01 8.30 12.40
C TYR A 159 -0.35 8.00 11.75
N VAL A 160 -1.38 8.21 12.57
CA VAL A 160 -2.78 8.06 12.23
C VAL A 160 -3.46 9.37 12.59
N ASP A 161 -3.84 10.15 11.58
CA ASP A 161 -4.48 11.43 11.82
C ASP A 161 -3.61 12.37 12.67
N GLY A 162 -2.32 12.40 12.37
CA GLY A 162 -1.38 13.25 13.09
C GLY A 162 -0.85 12.69 14.41
N GLN A 163 -1.46 11.61 14.90
CA GLN A 163 -1.05 11.00 16.15
C GLN A 163 0.01 9.92 15.99
N LEU A 164 1.10 10.04 16.72
CA LEU A 164 2.19 9.07 16.62
C LEU A 164 1.74 7.71 17.15
N LYS A 165 1.82 6.69 16.30
CA LYS A 165 1.39 5.37 16.75
C LYS A 165 2.50 4.36 16.96
N HIS A 166 3.64 4.54 16.31
CA HIS A 166 4.72 3.58 16.47
C HIS A 166 6.02 4.14 15.94
N THR A 167 7.14 3.75 16.57
CA THR A 167 8.45 4.20 16.16
C THR A 167 9.40 3.02 16.03
N ALA A 168 10.27 3.04 15.04
CA ALA A 168 11.25 2.00 14.81
C ALA A 168 12.61 2.65 14.73
N THR A 169 13.61 2.08 15.40
CA THR A 169 14.94 2.66 15.37
C THR A 169 16.08 1.74 14.96
N THR A 170 15.81 0.46 14.68
CA THR A 170 16.89 -0.43 14.29
C THR A 170 16.79 -0.94 12.86
N GLN A 171 17.95 -1.08 12.23
CA GLN A 171 18.01 -1.58 10.87
C GLN A 171 17.05 -0.85 9.94
N ILE A 172 17.18 0.48 9.93
CA ILE A 172 16.34 1.35 9.11
C ILE A 172 16.73 1.29 7.64
N PRO A 173 15.74 1.16 6.74
CA PRO A 173 16.03 1.09 5.32
C PRO A 173 16.74 2.35 4.84
N GLN A 174 17.56 2.17 3.80
CA GLN A 174 18.32 3.27 3.21
C GLN A 174 18.13 3.51 1.73
N THR A 175 17.65 2.52 0.98
CA THR A 175 17.49 2.71 -0.45
C THR A 175 16.19 3.35 -0.91
N PRO A 176 16.30 4.42 -1.70
CA PRO A 176 15.12 5.09 -2.18
C PRO A 176 14.25 4.12 -2.99
N GLY A 177 12.94 4.17 -2.79
CA GLY A 177 12.05 3.28 -3.52
C GLY A 177 10.86 4.01 -4.13
N LYS A 178 10.08 3.25 -4.88
CA LYS A 178 8.90 3.76 -5.55
C LYS A 178 7.73 3.76 -4.58
N ILE A 179 6.80 4.68 -4.76
CA ILE A 179 5.64 4.73 -3.89
C ILE A 179 4.64 3.76 -4.49
N MET A 180 4.06 2.86 -3.71
CA MET A 180 3.11 1.92 -4.28
C MET A 180 1.84 1.73 -3.47
N MET A 181 0.80 1.27 -4.16
CA MET A 181 -0.51 1.01 -3.55
C MET A 181 -1.09 -0.24 -4.19
N ASN A 182 -1.65 -1.13 -3.40
CA ASN A 182 -2.21 -2.32 -3.99
C ASN A 182 -3.37 -2.87 -3.17
N LEU A 183 -4.15 -3.74 -3.80
CA LEU A 183 -5.32 -4.42 -3.25
C LEU A 183 -5.25 -5.83 -3.79
N TRP A 184 -5.21 -6.83 -2.90
CA TRP A 184 -5.11 -8.22 -3.37
C TRP A 184 -5.65 -9.24 -2.39
N ASN A 185 -5.93 -10.44 -2.91
CA ASN A 185 -6.44 -11.55 -2.10
C ASN A 185 -5.30 -12.54 -1.92
N GLY A 186 -5.12 -13.07 -0.72
CA GLY A 186 -4.03 -14.00 -0.54
C GLY A 186 -4.38 -15.47 -0.53
N ALA A 187 -3.32 -16.27 -0.55
CA ALA A 187 -3.39 -17.72 -0.52
C ALA A 187 -2.21 -18.22 0.29
N GLY A 188 -2.44 -19.26 1.08
CA GLY A 188 -1.38 -19.84 1.90
C GLY A 188 -1.08 -19.05 3.16
N VAL A 189 -1.86 -18.02 3.44
CA VAL A 189 -1.66 -17.19 4.62
C VAL A 189 -2.94 -17.00 5.42
N ASP A 190 -3.74 -18.06 5.50
CA ASP A 190 -4.99 -18.02 6.21
C ASP A 190 -4.92 -17.57 7.66
N GLU A 191 -3.83 -17.93 8.32
CA GLU A 191 -3.70 -17.54 9.71
C GLU A 191 -3.58 -16.03 9.85
N TRP A 192 -2.86 -15.42 8.91
CA TRP A 192 -2.63 -13.99 8.88
C TRP A 192 -3.83 -13.18 8.38
N LEU A 193 -4.28 -13.45 7.16
CA LEU A 193 -5.39 -12.72 6.56
C LEU A 193 -6.77 -13.35 6.61
N GLY A 194 -6.88 -14.61 6.98
CA GLY A 194 -8.19 -15.24 6.98
C GLY A 194 -8.33 -15.86 5.59
N SER A 195 -9.26 -16.79 5.39
CA SER A 195 -9.40 -17.40 4.08
C SER A 195 -10.29 -16.56 3.18
N TYR A 196 -9.78 -16.19 2.00
CA TYR A 196 -10.55 -15.40 1.07
C TYR A 196 -11.80 -16.15 0.64
N ASN A 197 -12.94 -15.47 0.63
CA ASN A 197 -14.20 -16.09 0.28
C ASN A 197 -14.74 -15.82 -1.12
N GLY A 198 -13.90 -15.30 -2.01
CA GLY A 198 -14.31 -15.05 -3.38
C GLY A 198 -15.29 -13.92 -3.66
N VAL A 199 -15.61 -13.10 -2.67
CA VAL A 199 -16.53 -12.00 -2.89
C VAL A 199 -15.90 -10.91 -3.73
N THR A 200 -16.61 -10.44 -4.76
CA THR A 200 -16.16 -9.38 -5.64
C THR A 200 -17.38 -8.61 -6.09
N PRO A 201 -17.25 -7.36 -6.50
CA PRO A 201 -16.01 -6.62 -6.57
C PRO A 201 -15.75 -5.96 -5.23
N LEU A 202 -14.48 -5.67 -4.95
CA LEU A 202 -14.05 -5.03 -3.71
C LEU A 202 -13.26 -3.80 -4.11
N TYR A 203 -13.36 -2.74 -3.33
CA TYR A 203 -12.64 -1.51 -3.66
C TYR A 203 -11.90 -0.85 -2.51
N ALA A 204 -10.78 -0.22 -2.86
CA ALA A 204 -9.91 0.54 -1.98
C ALA A 204 -9.84 1.92 -2.62
N HIS A 205 -10.07 2.98 -1.86
CA HIS A 205 -10.02 4.32 -2.42
C HIS A 205 -8.93 5.19 -1.86
N TYR A 206 -8.29 5.96 -2.74
CA TYR A 206 -7.22 6.86 -2.35
C TYR A 206 -7.65 8.28 -2.71
N ASN A 207 -7.78 9.12 -1.70
CA ASN A 207 -8.20 10.50 -1.86
C ASN A 207 -7.07 11.44 -2.27
N TRP A 208 -5.94 11.34 -1.58
CA TRP A 208 -4.80 12.18 -1.90
C TRP A 208 -3.52 11.58 -1.33
N VAL A 209 -2.40 11.95 -1.94
CA VAL A 209 -1.08 11.49 -1.53
C VAL A 209 -0.12 12.67 -1.50
N ARG A 210 0.80 12.67 -0.54
CA ARG A 210 1.75 13.75 -0.45
C ARG A 210 3.09 13.24 0.05
N TYR A 211 4.16 13.73 -0.57
CA TYR A 211 5.52 13.37 -0.19
C TYR A 211 6.31 14.65 0.02
N THR A 212 6.87 14.81 1.21
CA THR A 212 7.66 16.01 1.48
C THR A 212 9.11 15.64 1.77
N LYS A 213 9.98 15.99 0.82
CA LYS A 213 11.40 15.71 0.89
C LYS A 213 12.12 16.25 2.11
N ARG A 214 13.19 15.55 2.44
CA ARG A 214 14.01 15.92 3.58
C ARG A 214 14.98 17.05 3.26
CA CA B . -9.06 13.92 -4.09
#